data_8FI2
#
_entry.id   8FI2
#
_cell.length_a   24.841
_cell.length_b   44.565
_cell.length_c   119.590
_cell.angle_alpha   90.000
_cell.angle_beta   90.000
_cell.angle_gamma   90.000
#
_symmetry.space_group_name_H-M   'P 21 21 21'
#
loop_
_entity.id
_entity.type
_entity.pdbx_description
1 polymer 'Lettuce DNA aptamer'
2 non-polymer 'POTASSIUM ION'
3 non-polymer 'MAGNESIUM ION'
4 non-polymer (5Z)-5-(3,5-difluoro-4-hydroxybenzylidene)-2-methyl-3-(2,2,2-trifluoroethyl)-3,5-dihydro-4H-imidazol-4-one
5 water water
#
_entity_poly.entity_id   1
_entity_poly.type   'polydeoxyribonucleotide'
_entity_poly.pdbx_seq_one_letter_code
;(DC)(DT)(DT)(DA)(DG)(DT)(DA)(DG)(DG)(DG)(DA)(DT)(DG)(DA)(DT)(DG)(DC)(DG)(DG)(DT)
(DA)(DG)(DT)(DG)(DG)(DG)(DC)(DT)(DT)(DC)(DG)(DC)(DA)(DG)(DT)(DT)(DC)(DC)(DT)(DG)
(DC)(DG)(DA)(DG)(DG)(DG)(DG)(DA)(DC)(DT)(DA)(DA)(DG)
;
_entity_poly.pdbx_strand_id   A
#
loop_
_chem_comp.id
_chem_comp.type
_chem_comp.name
_chem_comp.formula
2ZY non-polymer (5Z)-5-(3,5-difluoro-4-hydroxybenzylidene)-2-methyl-3-(2,2,2-trifluoroethyl)-3,5-dihydro-4H-imidazol-4-one 'C13 H9 F5 N2 O2'
DA DNA linking 2'-DEOXYADENOSINE-5'-MONOPHOSPHATE 'C10 H14 N5 O6 P'
DC DNA linking 2'-DEOXYCYTIDINE-5'-MONOPHOSPHATE 'C9 H14 N3 O7 P'
DG DNA linking 2'-DEOXYGUANOSINE-5'-MONOPHOSPHATE 'C10 H14 N5 O7 P'
DT DNA linking THYMIDINE-5'-MONOPHOSPHATE 'C10 H15 N2 O8 P'
K non-polymer 'POTASSIUM ION' 'K 1'
MG non-polymer 'MAGNESIUM ION' 'Mg 2'
#
# COMPACT_ATOMS: atom_id res chain seq x y z
K K B . 2.64 -6.27 1.47
K K C . 3.86 -5.16 -1.73
MG MG D . -6.36 -15.58 26.76
MG MG E . 12.60 -3.93 -10.03
MG MG F . -6.01 -1.13 8.87
O18 2ZY G . -0.65 4.29 -0.11
C15 2ZY G . -1.13 3.38 -0.69
N14 2ZY G . -2.50 3.22 -1.05
C16 2ZY G . -3.57 4.17 -0.77
C19 2ZY G . -3.86 4.14 0.73
C13 2ZY G . -2.68 1.98 -1.74
C17 2ZY G . -4.01 1.46 -2.28
C11 2ZY G . -0.38 2.12 -1.19
N12 2ZY G . -1.41 1.29 -1.84
C10 2ZY G . 0.91 1.93 -1.04
C2 2ZY G . 1.65 0.68 -1.53
C1 2ZY G . 3.00 0.59 -1.24
C6 2ZY G . 3.74 -0.51 -1.65
F8 2ZY G . 5.08 -0.56 -1.37
C5 2ZY G . 3.12 -1.53 -2.33
O9 2ZY G . 3.84 -2.65 -2.74
C4 2ZY G . 1.77 -1.46 -2.60
F7 2ZY G . 1.16 -2.49 -3.28
C3 2ZY G . 1.02 -0.36 -2.20
F20 2ZY G . -5.19 4.30 0.95
F21 2ZY G . -3.17 5.15 1.35
F22 2ZY G . -3.45 2.95 1.26
#